data_4BND
#
_entry.id   4BND
#
_cell.length_a   67.174
_cell.length_b   67.174
_cell.length_c   210.394
_cell.angle_alpha   90.00
_cell.angle_beta   90.00
_cell.angle_gamma   120.00
#
_symmetry.space_group_name_H-M   'P 31 2 1'
#
loop_
_entity.id
_entity.type
_entity.pdbx_description
1 polymer ALPHA-PHOSPHOGLUCOMUTASE
2 polymer ALPHA-PHOSPHOGLUCOMUTASE
3 non-polymer GLYCEROL
4 non-polymer 'SULFATE ION'
5 water water
#
loop_
_entity_poly.entity_id
_entity_poly.type
_entity_poly.pdbx_seq_one_letter_code
_entity_poly.pdbx_strand_id
1 'polypeptide(L)'
;KMKKILSFDIDNTLNEPKMPIFPEMAELLATLSQKYIIAPISGQKYDQFLIQIINNLPESANLDNFHLFVAQGTQYYAHK
AGEWKQVFNYALTDEQANAIMGALEKAAKELGHWDESVLLPGDEINENRESMIAYSAIGQKAGVEAKQAWDPDMTKRNEI
AKLASQYAPEFEFEVAGTTTINGFVPGQNKEFGMNHLMEELNVTKEEILYFGDMTQPGGNDYPVVQMGIETITVRDWKET
AAILKAIIAMEEA
;
A
2 'polypeptide(L)'
;AMKKILSFDIDNTLNEPKMPIFPEMAELLATLSQKYIIAPISGQKYDQFLIQIINNLPESANLDNFHLFVAQGTQYYAHK
AGEWKQVFNYALTDEQANAIMGALEKAAKELGHWDESVLLPGDEINENRESMIAYSAIGQKAGVEAKQAWDPDMTKRNEI
AKLASQYAPEFEFEVAGTTTINGFVPGQNKEFGMNHLMEELNVTKEEILYFGDMTQPGGNDYPVVQMGIETITVRDWKET
AAILKAIIAMEEA
;
B
#
# COMPACT_ATOMS: atom_id res chain seq x y z
N LYS A 1 21.25 16.92 16.08
CA LYS A 1 19.85 17.29 16.45
C LYS A 1 18.88 16.21 15.97
N MET A 2 17.70 16.22 16.56
CA MET A 2 16.71 15.20 16.27
C MET A 2 16.24 15.25 14.82
N LYS A 3 15.78 16.41 14.30
CA LYS A 3 15.23 16.46 12.96
C LYS A 3 16.35 16.42 11.92
N LYS A 4 16.23 15.48 10.98
CA LYS A 4 17.17 15.28 9.90
C LYS A 4 16.58 15.51 8.50
N ILE A 5 15.24 15.30 8.40
CA ILE A 5 14.57 15.28 7.12
C ILE A 5 13.51 16.36 7.16
N LEU A 6 13.56 17.27 6.18
CA LEU A 6 12.49 18.23 5.97
C LEU A 6 11.71 17.72 4.77
N SER A 7 10.43 17.34 5.02
CA SER A 7 9.58 16.77 4.02
C SER A 7 8.40 17.65 3.75
N PHE A 8 7.94 17.66 2.51
CA PHE A 8 6.95 18.64 2.03
C PHE A 8 6.10 18.01 0.95
N ASP A 9 4.77 18.27 0.92
CA ASP A 9 4.07 18.13 -0.36
C ASP A 9 4.62 19.24 -1.25
N ILE A 10 4.44 19.12 -2.54
CA ILE A 10 4.74 20.21 -3.42
C ILE A 10 3.52 21.13 -3.46
N ASP A 11 2.39 20.55 -3.85
CA ASP A 11 1.17 21.28 -4.20
C ASP A 11 0.80 22.27 -3.10
N ASN A 12 0.79 23.56 -3.44
CA ASN A 12 0.40 24.61 -2.53
C ASN A 12 1.17 24.67 -1.21
N THR A 13 2.35 24.06 -1.20
CA THR A 13 3.23 24.03 -0.03
C THR A 13 4.59 24.65 -0.42
N LEU A 14 5.10 24.22 -1.56
CA LEU A 14 6.33 24.77 -2.12
C LEU A 14 6.11 25.81 -3.22
N ASN A 15 4.92 25.78 -3.81
CA ASN A 15 4.62 26.55 -5.01
C ASN A 15 3.18 27.05 -5.03
N GLU A 16 2.88 27.82 -6.06
CA GLU A 16 1.50 28.05 -6.55
C GLU A 16 1.13 26.77 -7.24
N PRO A 17 -0.16 26.39 -7.18
CA PRO A 17 -0.56 25.02 -7.62
C PRO A 17 -0.01 24.56 -8.98
N LYS A 18 0.88 23.58 -8.93
CA LYS A 18 1.48 22.97 -10.09
C LYS A 18 2.39 23.88 -10.92
N MET A 19 2.89 24.93 -10.29
CA MET A 19 3.76 25.86 -10.98
C MET A 19 5.21 25.75 -10.52
N PRO A 20 6.16 26.25 -11.30
CA PRO A 20 7.53 26.30 -10.84
C PRO A 20 7.65 27.05 -9.53
N ILE A 21 8.56 26.59 -8.66
CA ILE A 21 8.77 27.33 -7.41
C ILE A 21 9.41 28.69 -7.73
N PHE A 22 9.14 29.66 -6.87
CA PHE A 22 9.72 30.99 -7.00
C PHE A 22 11.17 30.95 -6.54
N PRO A 23 12.02 31.88 -7.05
CA PRO A 23 13.40 32.02 -6.67
C PRO A 23 13.59 32.05 -5.14
N GLU A 24 12.73 32.79 -4.43
CA GLU A 24 12.81 32.87 -2.99
C GLU A 24 12.79 31.44 -2.36
N MET A 25 11.84 30.60 -2.76
CA MET A 25 11.79 29.26 -2.31
C MET A 25 12.99 28.42 -2.73
N ALA A 26 13.36 28.54 -3.99
CA ALA A 26 14.50 27.80 -4.53
C ALA A 26 15.75 28.07 -3.64
N GLU A 27 15.97 29.32 -3.23
CA GLU A 27 17.14 29.61 -2.42
C GLU A 27 17.07 29.02 -1.02
N LEU A 28 15.87 29.06 -0.45
CA LEU A 28 15.66 28.45 0.91
C LEU A 28 15.93 26.96 0.92
N LEU A 29 15.38 26.27 -0.07
CA LEU A 29 15.57 24.83 -0.16
C LEU A 29 17.06 24.48 -0.45
N ALA A 30 17.69 25.29 -1.30
CA ALA A 30 19.09 25.12 -1.59
C ALA A 30 19.91 25.27 -0.32
N THR A 31 19.65 26.31 0.47
CA THR A 31 20.42 26.49 1.70
C THR A 31 20.21 25.34 2.69
N LEU A 32 18.95 24.94 2.86
CA LEU A 32 18.67 23.88 3.81
C LEU A 32 19.29 22.57 3.34
N SER A 33 19.34 22.34 2.05
CA SER A 33 19.92 21.10 1.53
C SER A 33 21.40 20.89 1.84
N GLN A 34 22.12 21.94 2.22
CA GLN A 34 23.50 21.75 2.66
C GLN A 34 23.58 20.92 3.93
N LYS A 35 22.55 21.01 4.77
CA LYS A 35 22.55 20.39 6.10
C LYS A 35 21.51 19.31 6.35
N TYR A 36 20.42 19.37 5.59
CA TYR A 36 19.28 18.45 5.75
C TYR A 36 18.94 17.75 4.46
N ILE A 37 18.25 16.60 4.62
CA ILE A 37 17.57 16.02 3.48
C ILE A 37 16.26 16.80 3.24
N ILE A 38 16.04 17.15 1.96
CA ILE A 38 14.83 17.70 1.46
C ILE A 38 14.07 16.62 0.72
N ALA A 39 12.90 16.26 1.25
CA ALA A 39 12.14 15.10 0.72
C ALA A 39 10.74 15.51 0.30
N PRO A 40 10.58 16.05 -0.90
CA PRO A 40 9.24 16.32 -1.41
C PRO A 40 8.54 15.03 -1.69
N ILE A 41 7.31 14.95 -1.24
CA ILE A 41 6.44 13.78 -1.39
C ILE A 41 5.12 14.28 -1.92
N SER A 42 4.73 13.81 -3.10
CA SER A 42 3.63 14.46 -3.82
C SER A 42 3.10 13.56 -4.94
N GLY A 43 1.84 13.74 -5.31
CA GLY A 43 1.31 13.05 -6.44
C GLY A 43 1.91 13.39 -7.77
N GLN A 44 2.61 14.51 -7.87
CA GLN A 44 3.25 14.88 -9.14
C GLN A 44 4.16 13.75 -9.68
N LYS A 45 4.24 13.70 -11.01
CA LYS A 45 5.14 12.80 -11.71
C LYS A 45 6.56 13.31 -11.70
N TYR A 46 7.46 12.41 -12.00
CA TYR A 46 8.90 12.74 -11.93
C TYR A 46 9.28 13.95 -12.78
N ASP A 47 8.82 13.98 -14.02
CA ASP A 47 9.21 15.13 -14.84
C ASP A 47 8.73 16.47 -14.24
N GLN A 48 7.61 16.47 -13.53
CA GLN A 48 7.10 17.64 -12.86
C GLN A 48 7.80 17.98 -11.57
N PHE A 49 8.36 16.96 -10.88
CA PHE A 49 9.32 17.27 -9.81
C PHE A 49 10.50 18.08 -10.38
N LEU A 50 10.96 17.73 -11.57
CA LEU A 50 12.09 18.44 -12.17
C LEU A 50 11.66 19.83 -12.57
N ILE A 51 10.52 19.96 -13.25
CA ILE A 51 10.05 21.29 -13.70
C ILE A 51 9.64 22.19 -12.56
N GLN A 52 8.98 21.64 -11.54
CA GLN A 52 8.49 22.47 -10.46
C GLN A 52 9.61 22.81 -9.48
N ILE A 53 10.53 21.86 -9.23
CA ILE A 53 11.51 22.08 -8.17
C ILE A 53 12.90 22.07 -8.73
N ILE A 54 13.39 20.94 -9.23
CA ILE A 54 14.84 20.74 -9.41
C ILE A 54 15.41 21.75 -10.43
N ASN A 55 14.69 21.98 -11.52
CA ASN A 55 15.21 22.84 -12.61
C ASN A 55 15.34 24.29 -12.19
N ASN A 56 14.73 24.69 -11.10
CA ASN A 56 14.74 26.04 -10.58
C ASN A 56 15.72 26.24 -9.46
N LEU A 57 16.44 25.20 -9.04
CA LEU A 57 17.36 25.36 -7.94
C LEU A 57 18.64 26.00 -8.40
N PRO A 58 19.21 26.83 -7.53
CA PRO A 58 20.50 27.40 -7.87
C PRO A 58 21.54 26.31 -7.90
N GLU A 59 22.64 26.60 -8.59
CA GLU A 59 23.71 25.63 -8.67
C GLU A 59 24.30 25.21 -7.32
N SER A 60 24.22 26.08 -6.33
CA SER A 60 24.72 25.73 -5.02
C SER A 60 23.96 24.67 -4.24
N ALA A 61 22.73 24.36 -4.65
CA ALA A 61 21.95 23.34 -3.98
C ALA A 61 22.73 22.02 -3.98
N ASN A 62 22.59 21.28 -2.88
CA ASN A 62 23.14 19.97 -2.81
C ASN A 62 22.09 18.96 -3.31
N LEU A 63 22.10 18.66 -4.59
CA LEU A 63 21.06 17.79 -5.14
C LEU A 63 21.10 16.40 -4.55
N ASP A 64 22.25 15.94 -4.06
CA ASP A 64 22.32 14.64 -3.37
C ASP A 64 21.35 14.54 -2.18
N ASN A 65 21.05 15.63 -1.56
CA ASN A 65 20.14 15.66 -0.43
C ASN A 65 18.68 15.91 -0.80
N PHE A 66 18.33 15.97 -2.09
CA PHE A 66 16.92 15.99 -2.52
C PHE A 66 16.52 14.59 -2.86
N HIS A 67 15.61 14.03 -2.06
CA HIS A 67 15.15 12.64 -2.20
C HIS A 67 13.69 12.74 -2.59
N LEU A 68 13.34 12.24 -3.80
CA LEU A 68 12.04 12.56 -4.40
C LEU A 68 11.08 11.39 -4.35
N PHE A 69 10.00 11.61 -3.60
CA PHE A 69 8.94 10.58 -3.40
C PHE A 69 7.76 10.98 -4.28
N VAL A 70 7.86 10.47 -5.49
CA VAL A 70 7.01 10.79 -6.63
C VAL A 70 5.75 9.94 -6.65
N ALA A 71 4.66 10.50 -7.16
CA ALA A 71 3.40 9.79 -7.15
C ALA A 71 3.06 9.26 -5.76
N GLN A 72 3.20 10.13 -4.78
CA GLN A 72 2.92 9.96 -3.33
C GLN A 72 3.95 9.04 -2.66
N GLY A 73 5.08 8.78 -3.33
CA GLY A 73 6.11 7.87 -2.83
C GLY A 73 5.88 6.44 -3.28
N THR A 74 5.14 6.25 -4.38
CA THR A 74 5.10 4.97 -5.08
C THR A 74 6.21 4.83 -6.06
N GLN A 75 6.92 5.94 -6.29
CA GLN A 75 8.23 5.98 -6.99
C GLN A 75 9.19 6.77 -6.14
N TYR A 76 10.47 6.46 -6.24
CA TYR A 76 11.49 7.14 -5.46
C TYR A 76 12.71 7.32 -6.35
N TYR A 77 13.20 8.58 -6.41
CA TYR A 77 14.40 8.96 -7.17
C TYR A 77 15.41 9.57 -6.22
N ALA A 78 16.64 9.14 -6.36
CA ALA A 78 17.77 9.66 -5.58
C ALA A 78 18.87 10.12 -6.51
N HIS A 79 19.64 11.12 -6.04
CA HIS A 79 20.73 11.73 -6.80
C HIS A 79 22.08 11.40 -6.14
N LYS A 80 23.02 10.94 -6.94
CA LYS A 80 24.35 10.68 -6.47
C LYS A 80 25.23 10.84 -7.67
N ALA A 81 26.36 11.49 -7.44
CA ALA A 81 27.31 11.68 -8.51
C ALA A 81 26.73 12.23 -9.79
N GLY A 82 26.03 13.34 -9.65
CA GLY A 82 25.48 14.09 -10.76
C GLY A 82 24.33 13.51 -11.52
N GLU A 83 23.76 12.41 -10.99
CA GLU A 83 22.80 11.64 -11.75
C GLU A 83 21.63 11.22 -10.88
N TRP A 84 20.43 11.38 -11.44
CA TRP A 84 19.21 10.86 -10.83
C TRP A 84 18.99 9.44 -11.22
N LYS A 85 18.56 8.60 -10.28
CA LYS A 85 18.23 7.21 -10.57
C LYS A 85 16.89 6.85 -9.92
N GLN A 86 16.15 6.02 -10.63
CA GLN A 86 14.88 5.49 -10.08
C GLN A 86 15.19 4.34 -9.14
N VAL A 87 14.94 4.53 -7.88
CA VAL A 87 15.25 3.51 -6.90
C VAL A 87 14.15 2.45 -6.83
N PHE A 88 12.92 2.90 -6.89
CA PHE A 88 11.79 1.96 -7.03
C PHE A 88 10.62 2.58 -7.74
N ASN A 89 9.73 1.73 -8.24
CA ASN A 89 8.55 2.17 -8.97
C ASN A 89 7.50 1.07 -8.88
N TYR A 90 6.50 1.31 -8.06
CA TYR A 90 5.38 0.37 -7.87
C TYR A 90 4.37 0.62 -9.02
N ALA A 91 4.78 0.18 -10.20
CA ALA A 91 4.04 0.49 -11.42
C ALA A 91 2.72 -0.25 -11.48
N LEU A 92 1.73 0.44 -12.00
CA LEU A 92 0.40 -0.16 -12.28
C LEU A 92 0.57 -1.17 -13.40
N THR A 93 -0.18 -2.27 -13.32
CA THR A 93 -0.33 -3.10 -14.50
C THR A 93 -1.14 -2.33 -15.52
N ASP A 94 -1.11 -2.78 -16.76
CA ASP A 94 -1.95 -2.15 -17.80
C ASP A 94 -3.43 -2.23 -17.41
N GLU A 95 -3.81 -3.38 -16.88
CA GLU A 95 -5.17 -3.62 -16.47
C GLU A 95 -5.61 -2.67 -15.35
N GLN A 96 -4.78 -2.51 -14.31
CA GLN A 96 -5.09 -1.56 -13.27
C GLN A 96 -5.18 -0.15 -13.80
N ALA A 97 -4.21 0.29 -14.59
CA ALA A 97 -4.24 1.66 -15.13
C ALA A 97 -5.48 1.92 -15.90
N ASN A 98 -5.85 0.98 -16.76
CA ASN A 98 -7.08 1.16 -17.56
C ASN A 98 -8.32 1.21 -16.72
N ALA A 99 -8.38 0.39 -15.67
CA ALA A 99 -9.56 0.34 -14.79
C ALA A 99 -9.70 1.65 -14.03
N ILE A 100 -8.60 2.16 -13.53
CA ILE A 100 -8.60 3.41 -12.73
C ILE A 100 -8.96 4.57 -13.65
N MET A 101 -8.30 4.66 -14.79
CA MET A 101 -8.61 5.76 -15.72
C MET A 101 -10.07 5.72 -16.13
N GLY A 102 -10.54 4.51 -16.44
CA GLY A 102 -11.90 4.36 -16.93
C GLY A 102 -12.95 4.77 -15.90
N ALA A 103 -12.73 4.44 -14.64
CA ALA A 103 -13.64 4.80 -13.58
C ALA A 103 -13.77 6.33 -13.43
N LEU A 104 -12.62 6.99 -13.50
CA LEU A 104 -12.58 8.48 -13.41
C LEU A 104 -13.29 9.07 -14.59
N GLU A 105 -13.04 8.56 -15.79
CA GLU A 105 -13.70 9.08 -17.00
C GLU A 105 -15.17 8.87 -16.94
N LYS A 106 -15.62 7.67 -16.59
CA LYS A 106 -17.10 7.45 -16.51
C LYS A 106 -17.74 8.35 -15.46
N ALA A 107 -17.11 8.51 -14.29
CA ALA A 107 -17.67 9.34 -13.23
C ALA A 107 -17.80 10.80 -13.67
N ALA A 108 -16.71 11.34 -14.21
CA ALA A 108 -16.66 12.74 -14.65
C ALA A 108 -17.68 13.01 -15.75
N LYS A 109 -17.78 12.10 -16.71
CA LYS A 109 -18.68 12.21 -17.82
C LYS A 109 -20.12 12.20 -17.32
N GLU A 110 -20.47 11.24 -16.47
CA GLU A 110 -21.80 11.13 -15.92
C GLU A 110 -22.22 12.36 -15.13
N LEU A 111 -21.29 12.91 -14.36
CA LEU A 111 -21.56 14.08 -13.52
C LEU A 111 -21.48 15.43 -14.27
N GLY A 112 -21.11 15.38 -15.55
CA GLY A 112 -21.13 16.58 -16.38
C GLY A 112 -19.88 17.43 -16.29
N HIS A 113 -18.78 16.83 -15.87
CA HIS A 113 -17.50 17.55 -15.61
C HIS A 113 -16.44 17.31 -16.71
N TRP A 114 -16.71 16.39 -17.63
CA TRP A 114 -15.75 16.00 -18.66
C TRP A 114 -15.90 16.93 -19.88
N ASP A 115 -15.07 17.95 -19.96
CA ASP A 115 -15.19 18.89 -21.06
C ASP A 115 -13.80 19.08 -21.67
N GLU A 116 -13.54 18.39 -22.78
CA GLU A 116 -12.24 18.49 -23.47
C GLU A 116 -12.09 19.82 -24.23
N SER A 117 -13.17 20.57 -24.43
CA SER A 117 -13.11 21.82 -25.18
C SER A 117 -12.32 22.93 -24.46
N VAL A 118 -12.11 22.80 -23.14
CA VAL A 118 -11.36 23.79 -22.38
C VAL A 118 -9.86 23.51 -22.35
N LEU A 119 -9.44 22.39 -22.93
CA LEU A 119 -8.05 21.97 -22.84
C LEU A 119 -7.12 22.83 -23.68
N LEU A 120 -5.99 23.19 -23.09
CA LEU A 120 -4.92 23.81 -23.86
C LEU A 120 -4.42 22.84 -24.91
N PRO A 121 -3.73 23.34 -25.94
CA PRO A 121 -3.31 22.51 -27.04
C PRO A 121 -2.42 21.34 -26.60
N GLY A 122 -2.79 20.15 -27.06
CA GLY A 122 -2.03 18.95 -26.77
C GLY A 122 -2.19 18.46 -25.34
N ASP A 123 -3.04 19.10 -24.55
CA ASP A 123 -3.19 18.70 -23.13
C ASP A 123 -4.20 17.54 -23.02
N GLU A 124 -4.28 16.92 -21.85
CA GLU A 124 -5.22 15.86 -21.56
C GLU A 124 -5.72 15.99 -20.14
N ILE A 125 -6.88 15.42 -19.86
CA ILE A 125 -7.49 15.39 -18.55
C ILE A 125 -6.84 14.30 -17.69
N ASN A 126 -6.86 13.05 -18.15
CA ASN A 126 -6.35 11.89 -17.36
C ASN A 126 -4.93 11.58 -17.75
N GLU A 127 -4.04 11.59 -16.78
CA GLU A 127 -2.63 11.26 -17.00
C GLU A 127 -2.19 10.01 -16.26
N ASN A 128 -1.55 9.12 -16.97
CA ASN A 128 -0.98 7.94 -16.38
C ASN A 128 0.43 8.28 -15.88
N ARG A 129 0.59 8.34 -14.58
CA ARG A 129 1.88 8.63 -13.97
C ARG A 129 2.61 7.36 -13.48
N GLU A 130 2.36 6.28 -14.21
CA GLU A 130 3.04 4.98 -14.13
C GLU A 130 2.60 4.11 -12.96
N SER A 131 2.65 4.68 -11.77
CA SER A 131 2.31 4.04 -10.51
C SER A 131 1.07 4.63 -9.87
N MET A 132 0.44 5.55 -10.56
CA MET A 132 -0.71 6.29 -10.07
C MET A 132 -1.36 6.99 -11.25
N ILE A 133 -2.65 7.22 -11.21
CA ILE A 133 -3.37 8.01 -12.21
C ILE A 133 -3.71 9.33 -11.62
N ALA A 134 -3.57 10.39 -12.40
CA ALA A 134 -4.10 11.71 -11.98
C ALA A 134 -5.14 12.25 -12.99
N TYR A 135 -6.38 12.41 -12.52
CA TYR A 135 -7.40 13.08 -13.26
C TYR A 135 -7.27 14.55 -12.87
N SER A 136 -6.99 15.43 -13.84
CA SER A 136 -6.92 16.88 -13.56
C SER A 136 -7.94 17.55 -14.54
N ALA A 137 -9.04 18.01 -13.94
CA ALA A 137 -10.34 18.21 -14.65
C ALA A 137 -10.29 19.06 -15.91
N ILE A 138 -9.48 20.11 -15.87
CA ILE A 138 -9.40 20.99 -17.03
C ILE A 138 -8.02 20.95 -17.66
N GLY A 139 -7.31 19.83 -17.39
CA GLY A 139 -6.04 19.58 -18.04
C GLY A 139 -4.84 19.56 -17.11
N GLN A 140 -3.79 18.84 -17.53
CA GLN A 140 -2.53 18.73 -16.80
C GLN A 140 -1.69 20.00 -16.84
N LYS A 141 -2.00 20.95 -17.76
CA LYS A 141 -1.19 22.16 -17.93
C LYS A 141 -1.99 23.45 -17.68
N ALA A 142 -3.22 23.31 -17.18
CA ALA A 142 -4.12 24.48 -16.97
C ALA A 142 -3.51 25.47 -15.98
N GLY A 143 -3.76 26.75 -16.25
CA GLY A 143 -3.23 27.80 -15.39
C GLY A 143 -3.97 27.93 -14.09
N VAL A 144 -3.29 28.55 -13.12
CA VAL A 144 -3.86 28.74 -11.82
C VAL A 144 -5.17 29.50 -11.82
N GLU A 145 -5.30 30.57 -12.62
CA GLU A 145 -6.54 31.38 -12.73
C GLU A 145 -7.73 30.40 -12.99
N ALA A 146 -7.57 29.66 -14.06
CA ALA A 146 -8.59 28.72 -14.49
C ALA A 146 -8.87 27.60 -13.46
N LYS A 147 -7.79 27.04 -12.89
CA LYS A 147 -7.94 25.93 -11.97
C LYS A 147 -8.66 26.30 -10.68
N GLN A 148 -8.27 27.44 -10.08
CA GLN A 148 -8.85 27.83 -8.81
C GLN A 148 -10.34 28.19 -8.91
N ALA A 149 -10.78 28.58 -10.09
CA ALA A 149 -12.19 28.85 -10.32
C ALA A 149 -13.03 27.57 -10.43
N TRP A 150 -12.40 26.50 -10.86
CA TRP A 150 -13.13 25.27 -11.18
C TRP A 150 -13.83 24.56 -10.02
N ASP A 151 -13.20 24.39 -8.87
CA ASP A 151 -13.80 23.66 -7.76
C ASP A 151 -13.25 24.10 -6.41
N PRO A 152 -13.43 25.39 -6.08
CA PRO A 152 -12.92 25.99 -4.85
C PRO A 152 -13.29 25.30 -3.60
N ASP A 153 -14.48 24.72 -3.56
CA ASP A 153 -14.94 24.08 -2.35
C ASP A 153 -14.90 22.56 -2.37
N MET A 154 -14.22 21.98 -3.36
CA MET A 154 -14.04 20.53 -3.50
C MET A 154 -15.30 19.71 -3.83
N THR A 155 -16.45 20.36 -4.03
CA THR A 155 -17.68 19.63 -4.27
C THR A 155 -17.61 18.74 -5.50
N LYS A 156 -17.05 19.26 -6.57
CA LYS A 156 -16.96 18.50 -7.82
C LYS A 156 -16.06 17.32 -7.64
N ARG A 157 -14.86 17.56 -7.13
CA ARG A 157 -13.95 16.46 -6.96
C ARG A 157 -14.48 15.38 -5.98
N ASN A 158 -15.08 15.80 -4.88
CA ASN A 158 -15.67 14.87 -3.92
C ASN A 158 -16.67 13.94 -4.63
N GLU A 159 -17.53 14.52 -5.46
CA GLU A 159 -18.57 13.70 -6.08
C GLU A 159 -17.99 12.80 -7.17
N ILE A 160 -17.01 13.30 -7.93
CA ILE A 160 -16.31 12.46 -8.93
C ILE A 160 -15.60 11.29 -8.23
N ALA A 161 -14.85 11.60 -7.16
CA ALA A 161 -14.10 10.54 -6.51
C ALA A 161 -15.02 9.46 -5.90
N LYS A 162 -16.13 9.89 -5.33
CA LYS A 162 -17.14 8.98 -4.76
C LYS A 162 -17.68 8.05 -5.86
N LEU A 163 -18.07 8.64 -6.98
CA LEU A 163 -18.64 7.85 -8.08
C LEU A 163 -17.61 6.92 -8.74
N ALA A 164 -16.38 7.43 -8.94
CA ALA A 164 -15.31 6.60 -9.44
C ALA A 164 -15.11 5.37 -8.54
N SER A 165 -15.17 5.60 -7.23
CA SER A 165 -15.03 4.50 -6.25
C SER A 165 -16.12 3.46 -6.36
N GLN A 166 -17.32 3.90 -6.66
CA GLN A 166 -18.41 2.96 -6.88
C GLN A 166 -18.23 2.16 -8.17
N TYR A 167 -17.66 2.80 -9.15
N TYR A 167 -17.75 2.83 -9.23
CA TYR A 167 -17.43 2.11 -10.37
CA TYR A 167 -17.40 2.18 -10.53
C TYR A 167 -16.25 1.16 -10.32
C TYR A 167 -16.21 1.21 -10.42
N ALA A 168 -15.26 1.47 -9.52
CA ALA A 168 -14.08 0.59 -9.40
C ALA A 168 -13.70 0.51 -7.93
N PRO A 169 -14.47 -0.27 -7.16
CA PRO A 169 -14.28 -0.34 -5.69
C PRO A 169 -12.98 -0.93 -5.24
N GLU A 170 -12.31 -1.62 -6.12
CA GLU A 170 -11.04 -2.19 -5.80
C GLU A 170 -9.86 -1.19 -5.77
N PHE A 171 -10.11 0.05 -6.18
CA PHE A 171 -9.10 1.08 -6.19
C PHE A 171 -9.47 2.21 -5.24
N GLU A 172 -8.53 3.13 -5.06
CA GLU A 172 -8.70 4.23 -4.16
C GLU A 172 -8.53 5.53 -4.95
N PHE A 173 -9.40 6.49 -4.66
CA PHE A 173 -9.51 7.76 -5.40
C PHE A 173 -9.52 8.86 -4.37
N GLU A 174 -8.55 9.79 -4.44
CA GLU A 174 -8.33 10.78 -3.38
C GLU A 174 -8.23 12.16 -4.03
N VAL A 175 -8.97 13.11 -3.50
CA VAL A 175 -8.95 14.49 -4.00
C VAL A 175 -7.58 15.11 -3.73
N ALA A 176 -7.14 15.96 -4.66
CA ALA A 176 -5.82 16.61 -4.54
C ALA A 176 -5.78 17.94 -5.28
N GLY A 177 -4.83 18.80 -4.91
CA GLY A 177 -4.51 19.93 -5.70
C GLY A 177 -5.69 20.87 -5.82
N THR A 178 -5.86 21.47 -6.99
CA THR A 178 -7.00 22.37 -7.26
C THR A 178 -8.07 21.68 -8.15
N THR A 179 -7.63 20.69 -8.96
CA THR A 179 -8.51 20.11 -9.96
C THR A 179 -8.40 18.57 -9.99
N THR A 180 -7.62 17.97 -9.10
CA THR A 180 -7.13 16.60 -9.28
C THR A 180 -7.83 15.58 -8.38
N ILE A 181 -7.98 14.39 -8.93
CA ILE A 181 -8.19 13.18 -8.19
C ILE A 181 -7.09 12.18 -8.54
N ASN A 182 -6.38 11.72 -7.52
CA ASN A 182 -5.39 10.68 -7.66
C ASN A 182 -6.04 9.30 -7.51
N GLY A 183 -5.72 8.40 -8.43
CA GLY A 183 -6.27 7.04 -8.39
C GLY A 183 -5.17 6.05 -8.32
N PHE A 184 -5.28 5.10 -7.41
CA PHE A 184 -4.18 4.20 -7.10
C PHE A 184 -4.61 2.93 -6.44
N VAL A 185 -3.70 2.00 -6.33
CA VAL A 185 -3.97 0.75 -5.64
C VAL A 185 -4.11 1.02 -4.15
N PRO A 186 -5.13 0.49 -3.47
CA PRO A 186 -5.40 0.95 -2.12
C PRO A 186 -4.23 0.83 -1.17
N GLY A 187 -4.05 1.86 -0.35
CA GLY A 187 -3.01 1.92 0.62
C GLY A 187 -1.80 2.67 0.13
N GLN A 188 -1.71 2.91 -1.15
CA GLN A 188 -0.48 3.46 -1.76
C GLN A 188 -0.53 5.00 -1.90
N ASN A 189 -0.81 5.60 -0.76
CA ASN A 189 -0.89 7.03 -0.56
C ASN A 189 0.30 7.52 0.22
N LYS A 190 0.25 8.71 0.80
CA LYS A 190 1.41 9.22 1.48
C LYS A 190 1.85 8.39 2.71
N GLU A 191 0.96 7.58 3.30
CA GLU A 191 1.34 6.68 4.37
C GLU A 191 2.34 5.66 3.81
N PHE A 192 2.02 5.14 2.65
CA PHE A 192 2.94 4.26 1.91
C PHE A 192 4.24 4.97 1.65
N GLY A 193 4.20 6.15 1.09
CA GLY A 193 5.36 6.89 0.77
C GLY A 193 6.22 7.22 1.94
N MET A 194 5.63 7.61 3.05
CA MET A 194 6.41 7.92 4.24
C MET A 194 7.05 6.71 4.85
N ASN A 195 6.36 5.59 4.80
CA ASN A 195 6.98 4.32 5.28
C ASN A 195 8.22 3.95 4.44
N HIS A 196 8.11 4.18 3.13
CA HIS A 196 9.24 3.97 2.26
C HIS A 196 10.32 4.96 2.50
N LEU A 197 9.98 6.23 2.75
CA LEU A 197 10.96 7.25 3.10
C LEU A 197 11.76 6.78 4.31
N MET A 198 11.09 6.33 5.35
CA MET A 198 11.80 5.94 6.55
C MET A 198 12.74 4.78 6.33
N GLU A 199 12.32 3.79 5.56
CA GLU A 199 13.18 2.66 5.24
C GLU A 199 14.40 3.09 4.39
N GLU A 200 14.15 3.88 3.34
CA GLU A 200 15.19 4.23 2.37
C GLU A 200 16.23 5.14 3.03
N LEU A 201 15.77 6.02 3.90
CA LEU A 201 16.65 7.05 4.51
C LEU A 201 17.12 6.63 5.89
N ASN A 202 16.71 5.47 6.36
CA ASN A 202 17.14 4.97 7.68
C ASN A 202 16.87 5.96 8.78
N VAL A 203 15.65 6.42 8.84
CA VAL A 203 15.23 7.36 9.89
C VAL A 203 13.94 6.87 10.54
N THR A 204 13.77 7.30 11.78
CA THR A 204 12.51 7.10 12.51
C THR A 204 11.56 8.28 12.35
N LYS A 205 10.31 8.07 12.74
CA LYS A 205 9.29 9.09 12.61
C LYS A 205 9.72 10.43 13.26
N GLU A 206 10.41 10.36 14.38
CA GLU A 206 10.77 11.53 15.14
C GLU A 206 11.80 12.40 14.43
N GLU A 207 12.48 11.83 13.43
CA GLU A 207 13.53 12.53 12.76
C GLU A 207 13.05 13.30 11.50
N ILE A 208 11.75 13.31 11.27
CA ILE A 208 11.12 13.99 10.14
C ILE A 208 10.27 15.17 10.62
N LEU A 209 10.40 16.29 9.92
CA LEU A 209 9.47 17.41 10.08
C LEU A 209 8.75 17.56 8.73
N TYR A 210 7.44 17.43 8.73
CA TYR A 210 6.63 17.44 7.52
C TYR A 210 5.80 18.69 7.40
N PHE A 211 5.67 19.21 6.19
CA PHE A 211 4.87 20.42 5.87
C PHE A 211 3.84 20.05 4.81
N GLY A 212 2.57 20.40 5.05
CA GLY A 212 1.51 20.27 4.03
C GLY A 212 0.33 21.13 4.32
N ASP A 213 -0.60 21.16 3.36
CA ASP A 213 -1.74 22.06 3.44
C ASP A 213 -3.06 21.35 3.68
N MET A 214 -3.09 20.00 3.61
CA MET A 214 -4.36 19.24 3.66
C MET A 214 -4.29 18.22 4.78
N THR A 215 -4.10 18.72 5.99
CA THR A 215 -3.80 17.96 7.18
C THR A 215 -5.04 17.66 8.02
N GLN A 216 -6.21 18.13 7.61
CA GLN A 216 -7.46 17.79 8.31
C GLN A 216 -7.89 16.38 7.96
N PRO A 217 -8.74 15.78 8.84
CA PRO A 217 -9.30 14.48 8.55
C PRO A 217 -9.89 14.51 7.13
N GLY A 218 -9.53 13.53 6.32
CA GLY A 218 -9.93 13.49 4.92
C GLY A 218 -8.98 14.10 3.91
N GLY A 219 -7.99 14.88 4.37
CA GLY A 219 -7.06 15.47 3.45
C GLY A 219 -5.90 14.57 3.17
N ASN A 220 -5.22 14.82 2.04
CA ASN A 220 -4.15 13.91 1.59
C ASN A 220 -2.84 14.01 2.37
N ASP A 221 -2.77 14.92 3.32
CA ASP A 221 -1.68 14.96 4.31
C ASP A 221 -2.05 14.34 5.64
N TYR A 222 -3.33 14.07 5.86
CA TYR A 222 -3.78 13.48 7.11
C TYR A 222 -3.06 12.15 7.41
N PRO A 223 -2.76 11.32 6.38
CA PRO A 223 -2.09 10.07 6.73
C PRO A 223 -0.75 10.26 7.41
N VAL A 224 -0.05 11.33 7.04
CA VAL A 224 1.22 11.64 7.69
C VAL A 224 1.00 12.06 9.15
N VAL A 225 -0.02 12.91 9.38
CA VAL A 225 -0.40 13.30 10.75
C VAL A 225 -0.70 12.10 11.62
N GLN A 226 -1.48 11.20 11.05
CA GLN A 226 -1.95 10.07 11.80
C GLN A 226 -0.87 9.04 12.12
N MET A 227 0.20 8.97 11.32
CA MET A 227 1.37 8.13 11.56
C MET A 227 2.26 8.61 12.67
N GLY A 228 2.02 9.79 13.16
CA GLY A 228 2.81 10.29 14.29
C GLY A 228 4.03 11.10 13.87
N ILE A 229 4.13 11.49 12.58
CA ILE A 229 5.19 12.36 12.11
C ILE A 229 4.80 13.82 12.40
N GLU A 230 5.68 14.60 13.01
CA GLU A 230 5.39 15.98 13.35
C GLU A 230 5.14 16.77 12.08
N THR A 231 3.97 17.41 12.01
CA THR A 231 3.48 18.05 10.83
C THR A 231 3.12 19.47 11.18
N ILE A 232 3.62 20.37 10.34
CA ILE A 232 3.26 21.79 10.41
C ILE A 232 2.38 22.11 9.22
N THR A 233 1.16 22.55 9.52
CA THR A 233 0.21 22.86 8.51
C THR A 233 0.54 24.25 7.94
N VAL A 234 0.56 24.34 6.62
CA VAL A 234 0.74 25.61 5.92
C VAL A 234 -0.45 25.90 5.04
N ARG A 235 -0.65 27.16 4.71
CA ARG A 235 -1.83 27.57 3.90
C ARG A 235 -1.44 27.81 2.45
N ASP A 236 -0.15 28.08 2.24
CA ASP A 236 0.38 28.42 0.92
C ASP A 236 1.88 28.41 0.95
N TRP A 237 2.51 28.68 -0.19
CA TRP A 237 3.97 28.57 -0.27
C TRP A 237 4.64 29.70 0.55
N LYS A 238 3.96 30.83 0.74
CA LYS A 238 4.54 31.92 1.47
C LYS A 238 4.70 31.62 2.92
N GLU A 239 3.77 30.83 3.46
CA GLU A 239 3.84 30.38 4.84
C GLU A 239 5.04 29.45 5.02
N THR A 240 5.18 28.50 4.08
CA THR A 240 6.33 27.62 4.10
C THR A 240 7.63 28.38 4.01
N ALA A 241 7.66 29.36 3.12
CA ALA A 241 8.88 30.18 2.95
C ALA A 241 9.26 30.92 4.20
N ALA A 242 8.24 31.45 4.90
CA ALA A 242 8.54 32.20 6.15
C ALA A 242 9.16 31.26 7.18
N ILE A 243 8.57 30.05 7.29
CA ILE A 243 9.06 29.07 8.21
C ILE A 243 10.51 28.72 7.87
N LEU A 244 10.81 28.45 6.57
CA LEU A 244 12.16 28.01 6.25
C LEU A 244 13.17 29.14 6.44
N LYS A 245 12.77 30.38 6.13
CA LYS A 245 13.62 31.53 6.37
C LYS A 245 14.00 31.64 7.85
N ALA A 246 13.03 31.40 8.71
CA ALA A 246 13.27 31.46 10.14
C ALA A 246 14.19 30.31 10.60
N ILE A 247 13.94 29.09 10.12
CA ILE A 247 14.78 27.95 10.50
C ILE A 247 16.24 28.29 10.16
N ILE A 248 16.42 28.79 8.96
CA ILE A 248 17.79 29.14 8.53
C ILE A 248 18.42 30.23 9.42
N ALA A 249 17.63 31.23 9.77
CA ALA A 249 18.14 32.33 10.59
C ALA A 249 18.52 31.84 11.98
N MET A 250 17.78 30.90 12.53
CA MET A 250 18.02 30.41 13.89
C MET A 250 19.08 29.34 14.02
N GLU A 251 19.58 28.91 12.89
CA GLU A 251 20.63 27.90 12.85
C GLU A 251 22.01 28.52 12.77
N GLU A 252 22.08 29.73 12.22
CA GLU A 252 23.35 30.35 11.84
C GLU A 252 24.26 30.77 13.02
N ALA B 1 20.65 -30.10 1.53
CA ALA B 1 19.68 -30.36 0.43
C ALA B 1 18.26 -30.64 0.93
N MET B 2 18.06 -30.78 2.25
CA MET B 2 16.79 -31.26 2.79
C MET B 2 15.64 -30.25 2.53
N LYS B 3 15.81 -28.99 2.92
CA LYS B 3 14.76 -28.00 2.68
C LYS B 3 14.71 -27.55 1.21
N LYS B 4 13.52 -27.66 0.60
CA LYS B 4 13.29 -27.28 -0.81
C LYS B 4 12.21 -26.19 -0.98
N ILE B 5 11.41 -26.06 0.05
CA ILE B 5 10.23 -25.11 0.03
C ILE B 5 10.39 -24.08 1.15
N LEU B 6 10.35 -22.78 0.80
CA LEU B 6 10.31 -21.72 1.80
C LEU B 6 8.88 -21.22 1.73
N SER B 7 8.16 -21.43 2.80
CA SER B 7 6.73 -21.06 2.87
C SER B 7 6.52 -19.99 3.91
N PHE B 8 5.67 -19.03 3.59
CA PHE B 8 5.50 -17.83 4.41
C PHE B 8 4.06 -17.40 4.52
N ASP B 9 3.56 -17.19 5.74
CA ASP B 9 2.25 -16.57 5.92
CA ASP B 9 2.24 -16.56 5.89
C ASP B 9 2.46 -15.08 5.70
N ILE B 10 1.95 -14.55 4.60
CA ILE B 10 2.48 -13.30 4.06
C ILE B 10 2.52 -12.11 5.01
N ASP B 11 1.42 -11.91 5.72
CA ASP B 11 1.32 -10.68 6.53
C ASP B 11 2.12 -10.78 7.80
N ASN B 12 3.02 -9.83 7.91
CA ASN B 12 4.11 -9.70 8.93
C ASN B 12 5.16 -10.70 8.79
N THR B 13 5.21 -11.32 7.65
CA THR B 13 6.35 -12.13 7.36
C THR B 13 7.01 -11.52 6.13
N LEU B 14 6.31 -11.36 5.01
CA LEU B 14 6.88 -10.79 3.80
C LEU B 14 6.63 -9.29 3.68
N ASN B 15 5.61 -8.77 4.38
CA ASN B 15 5.17 -7.41 4.19
C ASN B 15 4.45 -6.93 5.38
N GLU B 16 4.24 -5.64 5.45
CA GLU B 16 3.32 -5.05 6.44
C GLU B 16 1.90 -5.53 6.13
N PRO B 17 0.98 -5.47 7.12
CA PRO B 17 -0.31 -6.13 6.97
C PRO B 17 -1.08 -5.72 5.72
N LYS B 18 -1.26 -6.67 4.79
CA LYS B 18 -2.05 -6.47 3.58
C LYS B 18 -1.45 -5.43 2.67
N MET B 19 -0.11 -5.30 2.70
CA MET B 19 0.61 -4.30 1.90
C MET B 19 1.63 -4.92 0.98
N PRO B 20 2.14 -4.14 -0.01
CA PRO B 20 3.20 -4.70 -0.85
C PRO B 20 4.53 -4.93 -0.17
N ILE B 21 5.22 -5.96 -0.62
CA ILE B 21 6.63 -6.16 -0.21
C ILE B 21 7.46 -4.91 -0.58
N PHE B 22 8.45 -4.69 0.27
CA PHE B 22 9.47 -3.67 0.04
C PHE B 22 10.45 -4.13 -1.02
N PRO B 23 11.11 -3.18 -1.68
CA PRO B 23 12.07 -3.58 -2.73
C PRO B 23 13.16 -4.57 -2.28
N GLU B 24 13.71 -4.39 -1.06
CA GLU B 24 14.71 -5.31 -0.54
C GLU B 24 14.17 -6.73 -0.41
N MET B 25 12.94 -6.83 0.08
CA MET B 25 12.29 -8.13 0.18
C MET B 25 12.07 -8.75 -1.22
N ALA B 26 11.66 -7.94 -2.16
CA ALA B 26 11.43 -8.41 -3.52
C ALA B 26 12.73 -9.03 -4.07
N GLU B 27 13.84 -8.37 -3.80
CA GLU B 27 15.09 -8.85 -4.32
C GLU B 27 15.55 -10.13 -3.64
N LEU B 28 15.34 -10.22 -2.34
CA LEU B 28 15.68 -11.42 -1.57
C LEU B 28 14.85 -12.61 -2.04
N LEU B 29 13.57 -12.40 -2.23
CA LEU B 29 12.73 -13.47 -2.71
C LEU B 29 13.09 -13.92 -4.15
N ALA B 30 13.40 -12.94 -4.98
CA ALA B 30 13.79 -13.23 -6.36
C ALA B 30 15.07 -14.10 -6.37
N THR B 31 16.08 -13.71 -5.56
CA THR B 31 17.29 -14.49 -5.44
C THR B 31 16.97 -15.92 -4.99
N LEU B 32 16.22 -16.04 -3.91
CA LEU B 32 15.94 -17.38 -3.37
C LEU B 32 15.11 -18.24 -4.35
N SER B 33 14.26 -17.60 -5.16
CA SER B 33 13.39 -18.30 -6.12
C SER B 33 14.17 -19.02 -7.24
N GLN B 34 15.44 -18.66 -7.42
CA GLN B 34 16.24 -19.38 -8.40
C GLN B 34 16.50 -20.81 -7.96
N LYS B 35 16.54 -21.03 -6.66
CA LYS B 35 16.96 -22.30 -6.08
C LYS B 35 15.85 -23.02 -5.32
N TYR B 36 14.90 -22.26 -4.76
CA TYR B 36 13.87 -22.81 -3.92
C TYR B 36 12.48 -22.44 -4.44
N ILE B 37 11.48 -23.23 -4.06
CA ILE B 37 10.08 -22.82 -4.22
C ILE B 37 9.75 -21.85 -3.09
N ILE B 38 9.10 -20.75 -3.48
CA ILE B 38 8.57 -19.78 -2.55
C ILE B 38 7.06 -20.01 -2.52
N ALA B 39 6.57 -20.43 -1.36
CA ALA B 39 5.15 -20.81 -1.20
C ALA B 39 4.42 -19.87 -0.21
N PRO B 40 4.00 -18.69 -0.66
CA PRO B 40 3.20 -17.83 0.23
C PRO B 40 1.86 -18.48 0.54
N ILE B 41 1.43 -18.34 1.75
CA ILE B 41 0.11 -18.88 2.16
C ILE B 41 -0.56 -17.83 3.04
N SER B 42 -1.85 -17.61 2.91
CA SER B 42 -2.48 -16.51 3.58
C SER B 42 -3.97 -16.65 3.43
N GLY B 43 -4.75 -16.09 4.33
CA GLY B 43 -6.16 -15.92 4.11
C GLY B 43 -6.51 -14.94 2.96
N GLN B 44 -5.53 -14.13 2.51
CA GLN B 44 -5.83 -13.14 1.49
C GLN B 44 -6.24 -13.78 0.16
N LYS B 45 -6.97 -13.01 -0.66
CA LYS B 45 -7.48 -13.48 -1.93
C LYS B 45 -6.43 -13.36 -3.03
N TYR B 46 -6.69 -14.01 -4.14
CA TYR B 46 -5.73 -14.14 -5.21
C TYR B 46 -5.24 -12.79 -5.66
N ASP B 47 -6.15 -11.85 -5.94
CA ASP B 47 -5.70 -10.52 -6.41
C ASP B 47 -4.73 -9.86 -5.44
N GLN B 48 -4.87 -10.12 -4.14
CA GLN B 48 -3.97 -9.53 -3.16
C GLN B 48 -2.60 -10.22 -3.16
N PHE B 49 -2.54 -11.52 -3.44
CA PHE B 49 -1.26 -12.11 -3.66
C PHE B 49 -0.49 -11.43 -4.82
N LEU B 50 -1.17 -11.12 -5.91
CA LEU B 50 -0.52 -10.42 -6.99
C LEU B 50 -0.07 -9.02 -6.60
N ILE B 51 -0.97 -8.28 -5.94
CA ILE B 51 -0.65 -6.94 -5.52
C ILE B 51 0.48 -6.89 -4.49
N GLN B 52 0.43 -7.79 -3.51
CA GLN B 52 1.38 -7.70 -2.42
C GLN B 52 2.75 -8.30 -2.81
N ILE B 53 2.73 -9.36 -3.61
CA ILE B 53 3.95 -10.13 -3.84
C ILE B 53 4.32 -10.03 -5.33
N ILE B 54 3.55 -10.64 -6.21
CA ILE B 54 4.02 -10.98 -7.52
C ILE B 54 4.34 -9.74 -8.35
N ASN B 55 3.49 -8.73 -8.30
CA ASN B 55 3.61 -7.57 -9.17
C ASN B 55 4.87 -6.77 -8.83
N ASN B 56 5.43 -7.00 -7.64
CA ASN B 56 6.57 -6.26 -7.12
C ASN B 56 7.88 -6.99 -7.28
N LEU B 57 7.88 -8.16 -7.86
CA LEU B 57 9.09 -8.88 -8.01
C LEU B 57 9.86 -8.33 -9.21
N PRO B 58 11.20 -8.35 -9.12
CA PRO B 58 11.94 -7.90 -10.30
C PRO B 58 11.84 -8.94 -11.43
N GLU B 59 12.13 -8.54 -12.66
CA GLU B 59 12.01 -9.46 -13.81
C GLU B 59 12.87 -10.70 -13.63
N SER B 60 13.98 -10.56 -12.88
CA SER B 60 14.88 -11.68 -12.61
C SER B 60 14.24 -12.82 -11.81
N ALA B 61 13.15 -12.53 -11.06
CA ALA B 61 12.53 -13.58 -10.26
C ALA B 61 12.04 -14.74 -11.09
N ASN B 62 12.16 -15.95 -10.54
CA ASN B 62 11.69 -17.16 -11.19
C ASN B 62 10.23 -17.40 -10.79
N LEU B 63 9.33 -16.85 -11.58
CA LEU B 63 7.89 -16.89 -11.22
C LEU B 63 7.33 -18.28 -11.16
N ASP B 64 7.90 -19.20 -11.96
CA ASP B 64 7.45 -20.57 -11.94
C ASP B 64 7.62 -21.24 -10.56
N ASN B 65 8.58 -20.75 -9.76
CA ASN B 65 8.79 -21.22 -8.39
C ASN B 65 7.95 -20.59 -7.27
N PHE B 66 7.09 -19.65 -7.61
CA PHE B 66 6.13 -19.06 -6.67
C PHE B 66 4.82 -19.82 -6.78
N HIS B 67 4.45 -20.50 -5.70
CA HIS B 67 3.28 -21.38 -5.66
C HIS B 67 2.37 -20.77 -4.61
N LEU B 68 1.22 -20.31 -5.05
CA LEU B 68 0.34 -19.43 -4.26
C LEU B 68 -0.82 -20.19 -3.60
N PHE B 69 -0.77 -20.23 -2.26
CA PHE B 69 -1.78 -20.92 -1.43
C PHE B 69 -2.71 -19.89 -0.79
N VAL B 70 -3.74 -19.60 -1.56
CA VAL B 70 -4.65 -18.48 -1.37
C VAL B 70 -5.81 -18.91 -0.50
N ALA B 71 -6.31 -17.98 0.28
CA ALA B 71 -7.47 -18.26 1.20
C ALA B 71 -7.16 -19.52 2.04
N GLN B 72 -6.00 -19.51 2.68
CA GLN B 72 -5.50 -20.58 3.59
C GLN B 72 -4.96 -21.78 2.85
N GLY B 73 -4.90 -21.71 1.52
CA GLY B 73 -4.66 -22.87 0.72
C GLY B 73 -5.91 -23.66 0.38
N THR B 74 -7.08 -23.03 0.47
CA THR B 74 -8.29 -23.57 -0.14
C THR B 74 -8.35 -23.26 -1.63
N GLN B 75 -7.45 -22.37 -2.07
CA GLN B 75 -7.18 -22.18 -3.48
C GLN B 75 -5.67 -22.26 -3.72
N TYR B 76 -5.31 -22.68 -4.93
CA TYR B 76 -3.90 -22.85 -5.27
C TYR B 76 -3.71 -22.40 -6.71
N TYR B 77 -2.76 -21.50 -6.94
CA TYR B 77 -2.38 -20.99 -8.27
C TYR B 77 -0.89 -21.27 -8.50
N ALA B 78 -0.61 -21.74 -9.72
CA ALA B 78 0.75 -22.03 -10.19
C ALA B 78 1.02 -21.26 -11.49
N HIS B 79 2.30 -20.99 -11.73
CA HIS B 79 2.76 -20.23 -12.86
C HIS B 79 3.58 -21.15 -13.74
N LYS B 80 3.21 -21.21 -15.01
CA LYS B 80 3.87 -22.15 -15.97
C LYS B 80 3.63 -21.55 -17.31
N ALA B 81 4.62 -21.60 -18.20
CA ALA B 81 4.43 -21.12 -19.57
C ALA B 81 3.98 -19.61 -19.59
N GLY B 82 4.54 -18.79 -18.69
CA GLY B 82 4.30 -17.35 -18.65
C GLY B 82 2.91 -16.94 -18.15
N GLU B 83 2.15 -17.88 -17.58
CA GLU B 83 0.77 -17.58 -17.14
C GLU B 83 0.47 -18.18 -15.80
N TRP B 84 -0.41 -17.53 -15.04
CA TRP B 84 -0.94 -18.10 -13.81
C TRP B 84 -2.18 -18.91 -14.13
N LYS B 85 -2.31 -20.04 -13.45
CA LYS B 85 -3.55 -20.83 -13.53
C LYS B 85 -4.01 -21.30 -12.19
N GLN B 86 -5.34 -21.28 -12.01
CA GLN B 86 -5.92 -21.85 -10.83
C GLN B 86 -5.90 -23.39 -10.94
N VAL B 87 -5.26 -24.03 -9.98
CA VAL B 87 -5.11 -25.48 -9.94
C VAL B 87 -6.25 -26.14 -9.17
N PHE B 88 -6.65 -25.55 -8.03
CA PHE B 88 -7.83 -25.95 -7.29
C PHE B 88 -8.45 -24.77 -6.54
N ASN B 89 -9.75 -24.91 -6.22
CA ASN B 89 -10.52 -23.90 -5.51
C ASN B 89 -11.71 -24.57 -4.87
N TYR B 90 -11.63 -24.76 -3.56
CA TYR B 90 -12.69 -25.45 -2.77
C TYR B 90 -13.74 -24.41 -2.42
N ALA B 91 -14.53 -24.06 -3.44
CA ALA B 91 -15.50 -23.00 -3.29
C ALA B 91 -16.58 -23.34 -2.23
N LEU B 92 -17.08 -22.27 -1.63
CA LEU B 92 -18.22 -22.32 -0.73
C LEU B 92 -19.51 -22.42 -1.55
N THR B 93 -20.47 -23.17 -1.00
CA THR B 93 -21.84 -23.08 -1.56
C THR B 93 -22.42 -21.74 -1.11
N ASP B 94 -23.48 -21.28 -1.77
CA ASP B 94 -24.17 -20.10 -1.33
C ASP B 94 -24.68 -20.18 0.09
N GLU B 95 -25.24 -21.34 0.47
CA GLU B 95 -25.76 -21.53 1.83
C GLU B 95 -24.62 -21.27 2.80
N GLN B 96 -23.45 -21.85 2.53
CA GLN B 96 -22.29 -21.71 3.43
C GLN B 96 -21.79 -20.28 3.51
N ALA B 97 -21.58 -19.67 2.34
CA ALA B 97 -21.11 -18.27 2.30
C ALA B 97 -22.04 -17.34 3.09
N ASN B 98 -23.35 -17.50 2.88
CA ASN B 98 -24.30 -16.64 3.54
C ASN B 98 -24.34 -16.87 5.03
N ALA B 99 -24.25 -18.11 5.45
CA ALA B 99 -24.29 -18.40 6.89
C ALA B 99 -23.07 -17.80 7.60
N ILE B 100 -21.91 -17.92 6.95
CA ILE B 100 -20.65 -17.43 7.54
C ILE B 100 -20.70 -15.92 7.60
N MET B 101 -21.05 -15.30 6.47
CA MET B 101 -21.13 -13.83 6.46
C MET B 101 -22.13 -13.28 7.42
N GLY B 102 -23.27 -13.97 7.49
CA GLY B 102 -24.33 -13.44 8.33
C GLY B 102 -23.97 -13.51 9.81
N ALA B 103 -23.33 -14.60 10.20
CA ALA B 103 -22.88 -14.78 11.59
C ALA B 103 -21.90 -13.69 12.00
N LEU B 104 -20.97 -13.35 11.09
CA LEU B 104 -19.94 -12.32 11.39
C LEU B 104 -20.57 -10.95 11.54
N GLU B 105 -21.47 -10.60 10.63
CA GLU B 105 -22.14 -9.33 10.66
C GLU B 105 -22.99 -9.22 11.92
N LYS B 106 -23.77 -10.28 12.21
CA LYS B 106 -24.64 -10.26 13.38
C LYS B 106 -23.78 -10.08 14.64
N ALA B 107 -22.69 -10.85 14.71
CA ALA B 107 -21.80 -10.82 15.89
C ALA B 107 -21.13 -9.47 16.05
N ALA B 108 -20.59 -8.90 14.96
CA ALA B 108 -19.91 -7.64 15.06
C ALA B 108 -20.88 -6.51 15.42
N LYS B 109 -22.09 -6.57 14.86
CA LYS B 109 -23.13 -5.60 15.17
C LYS B 109 -23.54 -5.69 16.65
N GLU B 110 -23.70 -6.90 17.15
CA GLU B 110 -24.16 -7.08 18.54
C GLU B 110 -23.08 -6.59 19.51
N LEU B 111 -21.82 -6.68 19.12
CA LEU B 111 -20.73 -6.31 20.01
C LEU B 111 -20.26 -4.88 19.81
N GLY B 112 -20.93 -4.15 18.91
CA GLY B 112 -20.76 -2.72 18.80
C GLY B 112 -19.59 -2.41 17.90
N HIS B 113 -19.20 -3.35 17.05
CA HIS B 113 -17.97 -3.17 16.24
C HIS B 113 -18.21 -2.87 14.77
N TRP B 114 -19.47 -2.95 14.32
CA TRP B 114 -19.82 -2.73 12.94
C TRP B 114 -20.12 -1.28 12.71
N ASP B 115 -19.19 -0.56 12.09
CA ASP B 115 -19.35 0.88 11.84
C ASP B 115 -18.98 1.15 10.40
N GLU B 116 -20.00 1.24 9.54
CA GLU B 116 -19.80 1.52 8.13
C GLU B 116 -19.37 2.97 7.83
N SER B 117 -19.57 3.87 8.80
CA SER B 117 -19.20 5.28 8.62
C SER B 117 -17.69 5.47 8.50
N VAL B 118 -16.87 4.52 8.97
CA VAL B 118 -15.41 4.72 8.89
C VAL B 118 -14.86 4.14 7.60
N LEU B 119 -15.71 3.55 6.77
CA LEU B 119 -15.24 2.86 5.55
C LEU B 119 -14.88 3.84 4.46
N LEU B 120 -13.78 3.56 3.78
CA LEU B 120 -13.44 4.25 2.57
C LEU B 120 -14.54 4.02 1.55
N PRO B 121 -14.72 4.97 0.64
CA PRO B 121 -15.67 4.86 -0.45
C PRO B 121 -15.48 3.54 -1.18
N GLY B 122 -16.59 2.84 -1.47
CA GLY B 122 -16.52 1.57 -2.23
C GLY B 122 -16.14 0.37 -1.35
N ASP B 123 -15.75 0.60 -0.10
CA ASP B 123 -15.21 -0.51 0.70
C ASP B 123 -16.35 -1.28 1.34
N GLU B 124 -16.03 -2.48 1.79
CA GLU B 124 -16.95 -3.32 2.54
C GLU B 124 -16.25 -4.00 3.70
N ILE B 125 -17.00 -4.37 4.71
CA ILE B 125 -16.48 -5.09 5.84
C ILE B 125 -16.33 -6.60 5.61
N ASN B 126 -17.38 -7.26 5.15
CA ASN B 126 -17.27 -8.68 4.84
C ASN B 126 -16.96 -8.89 3.38
N GLU B 127 -15.97 -9.71 3.09
CA GLU B 127 -15.65 -10.05 1.73
C GLU B 127 -15.77 -11.54 1.49
N ASN B 128 -16.44 -11.88 0.41
CA ASN B 128 -16.50 -13.27 -0.05
C ASN B 128 -15.35 -13.60 -0.97
N ARG B 129 -14.42 -14.40 -0.47
CA ARG B 129 -13.22 -14.78 -1.22
C ARG B 129 -13.34 -16.18 -1.83
N GLU B 130 -14.58 -16.47 -2.21
CA GLU B 130 -15.01 -17.67 -2.97
C GLU B 130 -15.01 -18.95 -2.16
N SER B 131 -13.87 -19.29 -1.60
CA SER B 131 -13.70 -20.50 -0.78
C SER B 131 -13.55 -20.21 0.72
N MET B 132 -13.70 -18.95 1.08
CA MET B 132 -13.49 -18.46 2.43
C MET B 132 -14.12 -17.07 2.56
N ILE B 133 -14.54 -16.70 3.75
CA ILE B 133 -15.06 -15.33 4.03
C ILE B 133 -14.08 -14.62 4.90
N ALA B 134 -13.84 -13.33 4.61
CA ALA B 134 -13.06 -12.48 5.53
C ALA B 134 -13.85 -11.31 6.00
N TYR B 135 -14.08 -11.24 7.31
CA TYR B 135 -14.54 -10.02 7.96
C TYR B 135 -13.32 -9.19 8.29
N SER B 136 -13.28 -7.95 7.79
CA SER B 136 -12.15 -7.01 8.07
C SER B 136 -12.76 -5.74 8.59
N ALA B 137 -12.61 -5.54 9.90
CA ALA B 137 -13.53 -4.68 10.68
C ALA B 137 -13.73 -3.26 10.17
N ILE B 138 -12.65 -2.66 9.67
CA ILE B 138 -12.73 -1.29 9.22
C ILE B 138 -12.52 -1.20 7.69
N GLY B 139 -12.78 -2.31 7.00
CA GLY B 139 -12.81 -2.39 5.54
C GLY B 139 -11.65 -3.15 5.00
N GLN B 140 -11.85 -3.65 3.81
CA GLN B 140 -10.84 -4.39 3.07
C GLN B 140 -9.69 -3.54 2.54
N LYS B 141 -9.85 -2.19 2.54
CA LYS B 141 -8.86 -1.26 1.99
C LYS B 141 -8.18 -0.38 3.02
N ALA B 142 -8.47 -0.57 4.31
CA ALA B 142 -7.94 0.28 5.39
C ALA B 142 -6.41 0.28 5.45
N GLY B 143 -5.81 1.45 5.78
CA GLY B 143 -4.34 1.52 5.97
C GLY B 143 -3.81 0.89 7.26
N VAL B 144 -2.51 0.56 7.28
CA VAL B 144 -1.90 -0.14 8.40
C VAL B 144 -2.08 0.68 9.68
N GLU B 145 -1.81 1.98 9.63
CA GLU B 145 -1.90 2.76 10.88
C GLU B 145 -3.29 2.61 11.52
N ALA B 146 -4.35 2.84 10.75
CA ALA B 146 -5.69 2.76 11.31
C ALA B 146 -5.92 1.30 11.75
N LYS B 147 -5.51 0.35 10.93
CA LYS B 147 -5.80 -1.05 11.24
C LYS B 147 -5.13 -1.52 12.54
N GLN B 148 -3.85 -1.21 12.72
CA GLN B 148 -3.09 -1.61 13.90
C GLN B 148 -3.57 -0.96 15.19
N ALA B 149 -4.27 0.15 15.07
CA ALA B 149 -4.87 0.81 16.25
C ALA B 149 -6.21 0.20 16.65
N TRP B 150 -6.86 -0.52 15.74
CA TRP B 150 -8.20 -0.96 15.97
C TRP B 150 -8.29 -2.06 17.00
N ASP B 151 -7.44 -3.06 16.99
CA ASP B 151 -7.57 -4.19 17.90
C ASP B 151 -6.22 -4.85 18.15
N PRO B 152 -5.27 -4.08 18.68
CA PRO B 152 -3.93 -4.64 18.80
C PRO B 152 -3.75 -5.85 19.71
N ASP B 153 -4.62 -6.03 20.69
CA ASP B 153 -4.49 -7.17 21.57
C ASP B 153 -5.48 -8.27 21.22
N MET B 154 -6.21 -8.10 20.11
CA MET B 154 -7.12 -9.11 19.55
C MET B 154 -8.40 -9.30 20.35
N THR B 155 -8.64 -8.39 21.28
CA THR B 155 -9.85 -8.48 22.11
C THR B 155 -11.15 -8.50 21.35
N LYS B 156 -11.28 -7.55 20.43
CA LYS B 156 -12.49 -7.34 19.68
C LYS B 156 -12.70 -8.53 18.77
N ARG B 157 -11.65 -8.98 18.08
CA ARG B 157 -11.81 -10.13 17.16
C ARG B 157 -12.08 -11.44 17.89
N ASN B 158 -11.48 -11.64 19.04
CA ASN B 158 -11.75 -12.88 19.79
C ASN B 158 -13.21 -12.93 20.19
N GLU B 159 -13.77 -11.81 20.66
CA GLU B 159 -15.18 -11.85 21.10
C GLU B 159 -16.15 -11.98 19.91
N ILE B 160 -15.83 -11.33 18.81
CA ILE B 160 -16.62 -11.45 17.61
C ILE B 160 -16.56 -12.87 17.08
N ALA B 161 -15.40 -13.50 17.10
CA ALA B 161 -15.25 -14.84 16.54
C ALA B 161 -16.02 -15.84 17.40
N LYS B 162 -15.95 -15.66 18.70
CA LYS B 162 -16.67 -16.58 19.59
C LYS B 162 -18.17 -16.44 19.41
N LEU B 163 -18.71 -15.23 19.32
CA LEU B 163 -20.16 -15.09 19.15
C LEU B 163 -20.59 -15.60 17.76
N ALA B 164 -19.81 -15.28 16.71
CA ALA B 164 -20.15 -15.80 15.38
C ALA B 164 -20.19 -17.32 15.36
N SER B 165 -19.25 -17.92 16.05
CA SER B 165 -19.24 -19.37 16.18
C SER B 165 -20.50 -19.92 16.89
N GLN B 166 -21.01 -19.17 17.87
CA GLN B 166 -22.28 -19.55 18.50
C GLN B 166 -23.44 -19.50 17.49
N TYR B 167 -23.48 -18.44 16.68
CA TYR B 167 -24.49 -18.27 15.64
C TYR B 167 -24.41 -19.30 14.54
N ALA B 168 -23.21 -19.77 14.23
CA ALA B 168 -23.00 -20.67 13.10
C ALA B 168 -21.98 -21.70 13.53
N PRO B 169 -22.41 -22.69 14.35
CA PRO B 169 -21.49 -23.68 14.89
C PRO B 169 -20.98 -24.70 13.92
N GLU B 170 -21.52 -24.73 12.71
CA GLU B 170 -21.13 -25.64 11.64
C GLU B 170 -19.90 -25.09 10.87
N PHE B 171 -19.48 -23.89 11.24
CA PHE B 171 -18.31 -23.29 10.56
C PHE B 171 -17.24 -22.90 11.56
N GLU B 172 -16.07 -22.56 11.00
CA GLU B 172 -14.84 -22.27 11.79
C GLU B 172 -14.46 -20.82 11.55
N PHE B 173 -14.13 -20.11 12.64
CA PHE B 173 -13.81 -18.68 12.62
C PHE B 173 -12.46 -18.50 13.25
N GLU B 174 -11.53 -17.91 12.53
CA GLU B 174 -10.14 -17.78 12.94
C GLU B 174 -9.73 -16.30 12.91
N VAL B 175 -9.21 -15.82 14.04
CA VAL B 175 -8.70 -14.47 14.13
C VAL B 175 -7.39 -14.41 13.29
N ALA B 176 -7.24 -13.34 12.50
CA ALA B 176 -6.10 -13.19 11.60
C ALA B 176 -5.78 -11.75 11.35
N GLY B 177 -4.55 -11.55 10.89
CA GLY B 177 -4.19 -10.22 10.42
C GLY B 177 -4.25 -9.19 11.53
N THR B 178 -4.64 -7.98 11.15
CA THR B 178 -4.82 -6.89 12.07
C THR B 178 -6.30 -6.63 12.40
N THR B 179 -7.22 -6.93 11.49
CA THR B 179 -8.63 -6.61 11.66
C THR B 179 -9.57 -7.75 11.30
N THR B 180 -9.01 -8.93 11.04
CA THR B 180 -9.75 -9.92 10.26
C THR B 180 -10.13 -11.14 11.12
N ILE B 181 -11.29 -11.70 10.74
CA ILE B 181 -11.67 -13.04 11.05
C ILE B 181 -11.95 -13.78 9.76
N ASN B 182 -11.24 -14.88 9.59
CA ASN B 182 -11.47 -15.76 8.45
C ASN B 182 -12.56 -16.77 8.87
N GLY B 183 -13.54 -16.93 8.01
CA GLY B 183 -14.66 -17.87 8.21
C GLY B 183 -14.67 -18.92 7.12
N PHE B 184 -14.71 -20.21 7.49
CA PHE B 184 -14.59 -21.27 6.51
C PHE B 184 -15.18 -22.60 6.97
N VAL B 185 -15.19 -23.56 6.05
CA VAL B 185 -15.62 -24.93 6.36
C VAL B 185 -14.65 -25.52 7.37
N PRO B 186 -15.16 -26.20 8.44
CA PRO B 186 -14.24 -26.74 9.40
C PRO B 186 -13.05 -27.49 8.90
N GLY B 187 -11.88 -27.14 9.47
CA GLY B 187 -10.66 -27.81 9.10
C GLY B 187 -9.93 -27.18 7.92
N GLN B 188 -10.57 -26.28 7.19
CA GLN B 188 -9.95 -25.73 5.99
C GLN B 188 -9.10 -24.50 6.30
N ASN B 189 -8.21 -24.68 7.27
CA ASN B 189 -7.21 -23.66 7.66
C ASN B 189 -5.86 -24.03 7.08
N LYS B 190 -4.77 -23.46 7.58
CA LYS B 190 -3.49 -23.74 6.97
C LYS B 190 -2.98 -25.18 6.98
N GLU B 191 -3.52 -26.01 7.88
CA GLU B 191 -3.20 -27.39 7.86
C GLU B 191 -3.71 -28.03 6.56
N PHE B 192 -4.94 -27.64 6.15
CA PHE B 192 -5.52 -28.07 4.89
C PHE B 192 -4.64 -27.59 3.75
N GLY B 193 -4.29 -26.31 3.77
CA GLY B 193 -3.37 -25.77 2.78
C GLY B 193 -2.03 -26.48 2.65
N MET B 194 -1.43 -26.75 3.79
CA MET B 194 -0.14 -27.45 3.81
C MET B 194 -0.20 -28.89 3.36
N ASN B 195 -1.24 -29.61 3.75
CA ASN B 195 -1.41 -30.93 3.17
C ASN B 195 -1.49 -30.86 1.66
N HIS B 196 -2.27 -29.93 1.15
CA HIS B 196 -2.40 -29.81 -0.29
C HIS B 196 -1.07 -29.37 -0.94
N LEU B 197 -0.33 -28.52 -0.27
CA LEU B 197 1.00 -28.12 -0.74
C LEU B 197 1.89 -29.36 -0.88
N MET B 198 1.87 -30.21 0.10
CA MET B 198 2.68 -31.42 0.07
C MET B 198 2.30 -32.36 -1.08
N GLU B 199 1.02 -32.45 -1.38
CA GLU B 199 0.54 -33.30 -2.48
C GLU B 199 0.94 -32.64 -3.78
N GLU B 200 0.64 -31.34 -3.94
CA GLU B 200 0.86 -30.70 -5.22
C GLU B 200 2.35 -30.59 -5.60
N LEU B 201 3.22 -30.40 -4.63
CA LEU B 201 4.64 -30.18 -4.88
C LEU B 201 5.43 -31.46 -4.64
N ASN B 202 4.75 -32.53 -4.25
CA ASN B 202 5.40 -33.82 -4.00
C ASN B 202 6.59 -33.69 -3.05
N VAL B 203 6.31 -33.13 -1.89
CA VAL B 203 7.31 -33.00 -0.81
C VAL B 203 6.78 -33.57 0.53
N THR B 204 7.72 -33.92 1.40
CA THR B 204 7.37 -34.33 2.74
C THR B 204 7.54 -33.14 3.70
N LYS B 205 7.07 -33.33 4.91
CA LYS B 205 7.11 -32.28 5.96
C LYS B 205 8.52 -31.72 6.17
N GLU B 206 9.51 -32.59 6.15
CA GLU B 206 10.88 -32.17 6.46
C GLU B 206 11.49 -31.30 5.35
N GLU B 207 10.83 -31.25 4.18
CA GLU B 207 11.35 -30.51 3.05
C GLU B 207 10.86 -29.06 3.03
N ILE B 208 10.06 -28.70 4.02
CA ILE B 208 9.46 -27.32 4.11
C ILE B 208 10.03 -26.56 5.31
N LEU B 209 10.40 -25.29 5.06
CA LEU B 209 10.68 -24.34 6.18
C LEU B 209 9.61 -23.28 6.12
N TYR B 210 8.85 -23.17 7.22
CA TYR B 210 7.71 -22.26 7.27
C TYR B 210 8.04 -21.05 8.14
N PHE B 211 7.47 -19.89 7.82
CA PHE B 211 7.65 -18.64 8.51
C PHE B 211 6.29 -18.06 8.84
N GLY B 212 6.10 -17.60 10.06
CA GLY B 212 4.82 -16.98 10.47
C GLY B 212 4.98 -16.19 11.74
N ASP B 213 3.98 -15.36 12.04
CA ASP B 213 3.96 -14.49 13.24
C ASP B 213 2.98 -14.90 14.32
N MET B 214 2.17 -15.94 14.08
CA MET B 214 1.17 -16.39 15.07
C MET B 214 1.32 -17.88 15.35
N THR B 215 2.45 -18.23 15.96
CA THR B 215 2.92 -19.60 15.97
C THR B 215 2.74 -20.27 17.33
N GLN B 216 2.15 -19.57 18.30
CA GLN B 216 1.86 -20.14 19.62
C GLN B 216 0.55 -20.90 19.52
N PRO B 217 0.33 -21.90 20.38
CA PRO B 217 -0.96 -22.55 20.42
C PRO B 217 -2.09 -21.54 20.43
N GLY B 218 -3.13 -21.74 19.61
CA GLY B 218 -4.22 -20.76 19.47
C GLY B 218 -4.04 -19.77 18.33
N GLY B 219 -2.81 -19.59 17.87
CA GLY B 219 -2.56 -18.66 16.77
C GLY B 219 -2.75 -19.35 15.45
N ASN B 220 -2.98 -18.55 14.40
CA ASN B 220 -3.36 -19.12 13.11
C ASN B 220 -2.25 -19.80 12.31
N ASP B 221 -1.04 -19.75 12.83
CA ASP B 221 0.05 -20.53 12.30
C ASP B 221 0.33 -21.81 13.02
N TYR B 222 -0.30 -21.95 14.20
CA TYR B 222 -0.13 -23.19 14.97
C TYR B 222 -0.56 -24.42 14.22
N PRO B 223 -1.61 -24.32 13.36
CA PRO B 223 -1.93 -25.61 12.66
C PRO B 223 -0.78 -26.14 11.80
N VAL B 224 0.11 -25.27 11.33
CA VAL B 224 1.31 -25.70 10.62
C VAL B 224 2.37 -26.25 11.57
N VAL B 225 2.67 -25.48 12.62
CA VAL B 225 3.59 -25.94 13.67
C VAL B 225 3.25 -27.36 14.18
N GLN B 226 1.96 -27.55 14.44
CA GLN B 226 1.41 -28.77 14.98
C GLN B 226 1.61 -29.96 14.06
N MET B 227 1.83 -29.73 12.78
CA MET B 227 2.13 -30.80 11.84
C MET B 227 3.53 -31.33 12.00
N GLY B 228 4.38 -30.58 12.70
CA GLY B 228 5.80 -30.93 12.81
C GLY B 228 6.65 -30.39 11.71
N ILE B 229 6.12 -29.40 10.98
CA ILE B 229 6.86 -28.67 9.93
C ILE B 229 7.71 -27.61 10.65
N GLU B 230 9.00 -27.62 10.40
CA GLU B 230 9.88 -26.63 11.02
C GLU B 230 9.42 -25.21 10.70
N THR B 231 9.31 -24.41 11.76
CA THR B 231 8.74 -23.05 11.66
C THR B 231 9.64 -22.04 12.35
N ILE B 232 9.91 -20.97 11.62
CA ILE B 232 10.60 -19.82 12.13
C ILE B 232 9.54 -18.77 12.51
N THR B 233 9.55 -18.36 13.77
CA THR B 233 8.66 -17.34 14.27
C THR B 233 9.30 -15.96 13.97
N VAL B 234 8.52 -15.12 13.31
CA VAL B 234 8.97 -13.77 13.03
C VAL B 234 7.93 -12.79 13.51
N ARG B 235 8.31 -11.49 13.62
CA ARG B 235 7.42 -10.48 14.13
C ARG B 235 7.01 -9.46 13.08
N ASP B 236 7.87 -9.26 12.08
CA ASP B 236 7.59 -8.33 10.99
C ASP B 236 8.51 -8.64 9.81
N TRP B 237 8.29 -7.95 8.70
CA TRP B 237 9.00 -8.28 7.49
C TRP B 237 10.53 -8.01 7.60
N LYS B 238 10.91 -7.09 8.48
CA LYS B 238 12.33 -6.77 8.65
C LYS B 238 13.05 -7.94 9.30
N GLU B 239 12.35 -8.64 10.20
CA GLU B 239 12.97 -9.83 10.79
C GLU B 239 13.15 -10.88 9.73
N THR B 240 12.12 -11.14 8.93
CA THR B 240 12.26 -12.09 7.85
C THR B 240 13.38 -11.70 6.89
N ALA B 241 13.47 -10.41 6.56
CA ALA B 241 14.52 -9.93 5.65
C ALA B 241 15.93 -10.30 6.20
N ALA B 242 16.10 -10.07 7.49
CA ALA B 242 17.40 -10.39 8.15
C ALA B 242 17.73 -11.86 8.04
N ILE B 243 16.71 -12.70 8.25
CA ILE B 243 16.85 -14.14 8.09
C ILE B 243 17.23 -14.53 6.67
N LEU B 244 16.49 -14.01 5.69
CA LEU B 244 16.77 -14.32 4.29
C LEU B 244 18.18 -13.86 3.86
N LYS B 245 18.58 -12.69 4.29
CA LYS B 245 19.92 -12.20 4.00
C LYS B 245 20.93 -13.19 4.54
N ALA B 246 20.75 -13.65 5.75
CA ALA B 246 21.64 -14.64 6.36
C ALA B 246 21.68 -15.94 5.59
N ILE B 247 20.50 -16.46 5.21
CA ILE B 247 20.45 -17.72 4.44
C ILE B 247 21.28 -17.55 3.19
N ILE B 248 21.09 -16.45 2.49
CA ILE B 248 21.79 -16.24 1.23
C ILE B 248 23.31 -16.14 1.49
N ALA B 249 23.69 -15.39 2.53
CA ALA B 249 25.11 -15.30 2.86
C ALA B 249 25.76 -16.60 3.16
N MET B 250 25.03 -17.46 3.86
CA MET B 250 25.59 -18.77 4.27
C MET B 250 25.65 -19.81 3.16
N GLU B 251 24.96 -19.54 2.05
CA GLU B 251 24.97 -20.42 0.88
C GLU B 251 26.12 -20.06 -0.08
N GLU B 252 26.67 -18.85 0.01
CA GLU B 252 27.65 -18.39 -0.99
C GLU B 252 28.94 -19.19 -0.93
N ALA B 253 29.44 -19.63 -2.10
CA ALA B 253 30.58 -20.57 -2.20
C ALA B 253 31.94 -19.90 -2.03
#